data_2D2A
#
_entry.id   2D2A
#
_cell.length_a   25.162
_cell.length_b   88.500
_cell.length_c   122.013
_cell.angle_alpha   90.00
_cell.angle_beta   90.00
_cell.angle_gamma   90.00
#
_symmetry.space_group_name_H-M   'P 21 21 21'
#
loop_
_entity.id
_entity.type
_entity.pdbx_description
1 polymer 'SufA protein'
2 water water
#
_entity_poly.entity_id   1
_entity_poly.type   'polypeptide(L)'
_entity_poly.pdbx_seq_one_letter_code
;MGHHHHHHHHHHSSGHIDDDDLHMDMHSGTFNPQDFAWQGLTLTPAAAIHIRELVAKQPGMVGVRLGVKQTGCAGFGYVL
DSVSEPDKDDLLFEHDGAKLFVPLQAMPFIDGTEVDFVREGLNQIFKFHNPKAQNECGCGESFGV
;
_entity_poly.pdbx_strand_id   A,B
#
# COMPACT_ATOMS: atom_id res chain seq x y z
N ASN A 32 -22.61 -21.69 -13.14
CA ASN A 32 -23.03 -20.36 -12.59
C ASN A 32 -22.21 -19.15 -13.29
N PRO A 33 -22.89 -18.14 -14.02
CA PRO A 33 -22.25 -16.95 -14.74
C PRO A 33 -22.70 -15.38 -14.52
N GLN A 34 -23.94 -14.95 -14.88
CA GLN A 34 -24.69 -13.67 -14.44
C GLN A 34 -26.18 -13.50 -15.05
N ASP A 35 -26.53 -12.22 -15.26
CA ASP A 35 -27.86 -11.57 -15.50
C ASP A 35 -28.59 -11.97 -14.17
N PHE A 36 -28.41 -10.99 -13.23
CA PHE A 36 -28.51 -11.11 -11.78
C PHE A 36 -28.73 -9.79 -10.90
N ALA A 37 -28.88 -8.54 -11.40
CA ALA A 37 -29.15 -7.39 -10.51
C ALA A 37 -28.39 -7.35 -9.04
N TRP A 38 -27.21 -6.65 -9.00
CA TRP A 38 -26.30 -6.49 -7.89
C TRP A 38 -26.49 -5.20 -7.24
N GLN A 39 -25.99 -5.02 -6.01
CA GLN A 39 -26.34 -3.74 -5.37
C GLN A 39 -25.50 -2.73 -5.79
N GLY A 40 -24.26 -3.16 -5.99
CA GLY A 40 -23.35 -2.38 -6.82
C GLY A 40 -22.12 -2.09 -6.03
N LEU A 41 -21.29 -1.14 -6.52
CA LEU A 41 -20.18 -0.76 -5.66
C LEU A 41 -20.10 0.66 -5.52
N THR A 42 -19.38 1.11 -4.51
CA THR A 42 -19.17 2.54 -4.20
C THR A 42 -17.73 3.16 -4.05
N LEU A 43 -17.67 4.38 -4.23
CA LEU A 43 -16.49 5.13 -4.02
C LEU A 43 -16.77 6.13 -2.91
N THR A 44 -15.88 6.22 -1.95
CA THR A 44 -16.04 7.30 -1.01
C THR A 44 -15.68 8.60 -1.75
N PRO A 45 -16.19 9.71 -1.28
CA PRO A 45 -15.77 11.04 -1.88
C PRO A 45 -14.21 11.18 -2.05
N ALA A 46 -13.46 10.67 -1.07
CA ALA A 46 -12.03 10.79 -1.11
C ALA A 46 -11.48 9.99 -2.38
N ALA A 47 -12.02 8.78 -2.62
CA ALA A 47 -11.65 7.94 -3.66
C ALA A 47 -12.04 8.54 -4.96
N ALA A 48 -13.21 9.12 -5.01
CA ALA A 48 -13.75 9.88 -6.18
C ALA A 48 -12.88 11.11 -6.59
N ILE A 49 -12.47 11.93 -5.56
CA ILE A 49 -11.62 13.11 -5.79
C ILE A 49 -10.31 12.52 -6.40
N HIS A 50 -9.77 11.51 -5.77
CA HIS A 50 -8.48 11.07 -6.31
C HIS A 50 -8.59 10.47 -7.73
N ILE A 51 -9.74 9.88 -8.07
CA ILE A 51 -9.76 9.23 -9.27
C ILE A 51 -9.82 10.41 -10.28
N ARG A 52 -10.64 11.44 -9.97
CA ARG A 52 -10.82 12.66 -10.78
C ARG A 52 -9.49 13.39 -10.99
N GLU A 53 -8.61 13.33 -10.09
CA GLU A 53 -7.35 13.97 -10.16
C GLU A 53 -6.38 13.22 -11.05
N LEU A 54 -6.43 11.86 -11.07
CA LEU A 54 -5.60 10.97 -11.95
C LEU A 54 -6.16 11.00 -13.35
N VAL A 55 -7.50 11.08 -13.51
CA VAL A 55 -8.03 11.38 -14.82
C VAL A 55 -7.45 12.66 -15.52
N ALA A 56 -7.03 13.65 -14.70
CA ALA A 56 -7.11 14.99 -15.03
C ALA A 56 -5.65 15.22 -15.50
N LYS A 57 -4.67 14.58 -14.81
CA LYS A 57 -3.25 14.53 -15.26
C LYS A 57 -3.11 13.55 -16.41
N GLN A 58 -4.08 12.66 -16.63
CA GLN A 58 -3.83 11.60 -17.49
C GLN A 58 -4.89 11.38 -18.51
N PRO A 59 -4.33 11.76 -19.66
CA PRO A 59 -5.20 11.70 -20.92
C PRO A 59 -5.48 10.29 -21.41
N GLY A 60 -6.58 10.15 -22.13
CA GLY A 60 -6.98 8.75 -22.36
C GLY A 60 -7.42 7.90 -21.14
N MET A 61 -7.13 8.23 -19.89
CA MET A 61 -7.65 7.56 -18.72
C MET A 61 -9.14 7.89 -18.49
N VAL A 62 -10.00 6.90 -18.52
CA VAL A 62 -11.45 7.15 -18.27
C VAL A 62 -11.88 6.93 -16.86
N GLY A 63 -11.12 6.16 -16.15
CA GLY A 63 -11.57 5.70 -14.83
C GLY A 63 -10.64 4.63 -14.27
N VAL A 64 -11.01 4.06 -13.16
CA VAL A 64 -10.30 2.87 -12.60
C VAL A 64 -11.22 1.60 -12.68
N ARG A 65 -10.60 0.49 -12.60
CA ARG A 65 -11.29 -0.82 -12.77
C ARG A 65 -10.83 -1.76 -11.61
N LEU A 66 -11.76 -2.27 -10.80
CA LEU A 66 -11.46 -3.28 -9.86
C LEU A 66 -11.59 -4.73 -10.44
N GLY A 67 -10.52 -5.42 -10.43
CA GLY A 67 -10.46 -6.84 -10.71
C GLY A 67 -10.13 -7.44 -9.41
N VAL A 68 -10.13 -8.76 -9.44
CA VAL A 68 -9.63 -9.63 -8.31
C VAL A 68 -8.63 -10.71 -8.87
N LYS A 69 -7.58 -11.05 -8.15
CA LYS A 69 -6.44 -11.94 -8.56
C LYS A 69 -6.45 -13.20 -7.56
N GLN A 70 -6.03 -14.38 -8.04
CA GLN A 70 -5.84 -15.56 -7.27
C GLN A 70 -4.59 -15.14 -6.43
N THR A 71 -4.62 -15.46 -5.10
CA THR A 71 -3.43 -15.47 -4.11
C THR A 71 -3.58 -16.53 -2.88
N GLY A 72 -2.66 -16.55 -1.86
CA GLY A 72 -2.80 -17.40 -0.60
C GLY A 72 -3.05 -19.05 -0.57
N CYS A 73 -4.00 -19.60 0.27
CA CYS A 73 -4.74 -20.87 -0.11
C CYS A 73 -5.90 -20.66 -1.14
N ALA A 74 -7.20 -20.56 -0.81
CA ALA A 74 -8.11 -20.26 -1.97
C ALA A 74 -8.44 -18.76 -2.02
N GLY A 75 -7.41 -17.92 -1.57
CA GLY A 75 -7.40 -16.46 -1.44
C GLY A 75 -7.56 -15.70 -2.78
N PHE A 76 -7.61 -14.36 -2.70
CA PHE A 76 -8.23 -13.50 -3.69
C PHE A 76 -7.93 -12.03 -3.15
N GLY A 77 -7.27 -11.22 -3.99
CA GLY A 77 -6.64 -9.96 -3.67
C GLY A 77 -7.45 -9.15 -4.57
N TYR A 78 -7.67 -7.93 -4.14
CA TYR A 78 -8.07 -6.80 -5.01
C TYR A 78 -7.01 -6.12 -5.80
N VAL A 79 -7.44 -5.61 -6.92
CA VAL A 79 -6.53 -4.91 -7.96
C VAL A 79 -7.22 -3.82 -8.68
N LEU A 80 -6.90 -2.63 -8.25
CA LEU A 80 -7.41 -1.38 -8.89
C LEU A 80 -6.49 -0.87 -9.95
N ASP A 81 -7.03 -0.65 -11.12
CA ASP A 81 -6.18 -0.27 -12.22
C ASP A 81 -6.82 0.79 -12.93
N SER A 82 -5.93 1.61 -13.50
CA SER A 82 -6.28 2.72 -14.45
C SER A 82 -6.90 2.06 -15.64
N VAL A 83 -7.98 2.61 -16.22
CA VAL A 83 -8.54 1.98 -17.43
C VAL A 83 -8.73 2.98 -18.46
N SER A 84 -8.59 2.61 -19.75
CA SER A 84 -9.02 3.59 -20.90
C SER A 84 -10.16 3.08 -21.75
N GLU A 85 -10.18 1.80 -22.03
CA GLU A 85 -11.06 1.05 -22.96
C GLU A 85 -11.68 -0.04 -22.02
N PRO A 86 -12.86 0.21 -21.49
CA PRO A 86 -13.62 -0.83 -20.78
C PRO A 86 -13.90 -2.02 -21.54
N ASP A 87 -13.77 -3.19 -21.03
CA ASP A 87 -14.38 -4.36 -21.59
C ASP A 87 -15.93 -4.32 -21.69
N LYS A 88 -16.46 -5.05 -22.71
CA LYS A 88 -17.93 -5.22 -23.09
C LYS A 88 -18.86 -5.59 -21.84
N ASP A 89 -18.49 -6.69 -21.22
CA ASP A 89 -18.85 -7.14 -19.94
C ASP A 89 -18.69 -6.13 -18.71
N ASP A 90 -18.04 -4.94 -18.72
CA ASP A 90 -17.88 -4.28 -17.45
C ASP A 90 -19.19 -3.55 -17.06
N LEU A 91 -19.31 -3.34 -15.78
CA LEU A 91 -20.26 -2.50 -15.19
C LEU A 91 -19.63 -1.26 -14.71
N LEU A 92 -20.46 -0.26 -14.69
CA LEU A 92 -20.05 1.08 -14.47
C LEU A 92 -20.76 1.68 -13.23
N PHE A 93 -20.02 2.22 -12.27
CA PHE A 93 -20.57 2.80 -11.06
C PHE A 93 -19.83 4.09 -11.00
N GLU A 94 -20.63 5.10 -11.26
CA GLU A 94 -20.32 6.50 -11.26
C GLU A 94 -20.79 7.30 -10.02
N HIS A 95 -19.83 7.90 -9.33
CA HIS A 95 -19.99 8.75 -8.20
C HIS A 95 -19.13 9.98 -8.47
N ASP A 96 -19.81 11.10 -8.37
CA ASP A 96 -19.39 12.49 -8.36
C ASP A 96 -18.51 12.65 -9.68
N GLY A 97 -18.76 12.07 -10.83
CA GLY A 97 -17.85 12.15 -12.02
C GLY A 97 -16.74 11.13 -12.15
N ALA A 98 -16.37 10.50 -11.04
CA ALA A 98 -15.41 9.38 -11.09
C ALA A 98 -16.03 8.06 -11.51
N LYS A 99 -15.57 7.46 -12.63
CA LYS A 99 -15.86 6.04 -13.03
C LYS A 99 -15.07 4.75 -12.46
N LEU A 100 -15.84 3.76 -12.11
CA LEU A 100 -15.34 2.58 -11.42
C LEU A 100 -15.98 1.44 -12.23
N PHE A 101 -15.18 0.79 -12.99
CA PHE A 101 -15.66 -0.26 -13.86
C PHE A 101 -15.29 -1.49 -13.18
N VAL A 102 -16.25 -2.39 -13.13
CA VAL A 102 -16.00 -3.68 -12.48
C VAL A 102 -16.38 -4.85 -13.36
N PRO A 103 -15.49 -5.78 -13.65
CA PRO A 103 -15.92 -6.94 -14.46
C PRO A 103 -17.04 -7.82 -13.87
N LEU A 104 -18.16 -8.09 -14.54
CA LEU A 104 -18.94 -9.29 -14.12
C LEU A 104 -18.33 -10.59 -13.62
N GLN A 105 -17.33 -11.21 -14.22
CA GLN A 105 -16.80 -12.38 -13.59
C GLN A 105 -16.26 -12.08 -12.21
N ALA A 106 -16.40 -10.86 -11.72
CA ALA A 106 -15.95 -10.46 -10.36
C ALA A 106 -17.08 -10.14 -9.34
N MET A 107 -18.26 -9.84 -9.84
CA MET A 107 -19.25 -9.33 -9.00
C MET A 107 -19.60 -10.26 -7.81
N PRO A 108 -19.86 -11.55 -8.11
CA PRO A 108 -19.97 -12.57 -7.09
C PRO A 108 -19.07 -12.44 -5.88
N PHE A 109 -17.77 -12.51 -6.08
CA PHE A 109 -16.81 -12.53 -5.02
C PHE A 109 -16.84 -11.06 -4.32
N ILE A 110 -17.31 -9.95 -4.92
CA ILE A 110 -17.13 -8.61 -4.37
C ILE A 110 -18.27 -7.55 -4.46
N ASP A 111 -19.46 -8.03 -4.72
CA ASP A 111 -20.64 -7.19 -4.73
C ASP A 111 -20.70 -6.56 -3.32
N GLY A 112 -21.26 -5.36 -3.40
CA GLY A 112 -21.20 -4.38 -2.37
C GLY A 112 -19.94 -3.67 -1.91
N THR A 113 -18.63 -4.04 -2.26
CA THR A 113 -17.35 -3.37 -1.77
C THR A 113 -17.42 -1.82 -1.99
N GLU A 114 -16.92 -1.08 -1.05
CA GLU A 114 -16.68 0.37 -1.22
C GLU A 114 -15.20 0.55 -1.34
N VAL A 115 -14.80 1.34 -2.32
CA VAL A 115 -13.40 1.66 -2.57
C VAL A 115 -13.18 2.99 -1.96
N ASP A 116 -12.13 3.10 -1.13
CA ASP A 116 -11.83 4.33 -0.46
C ASP A 116 -10.29 4.62 -0.83
N PHE A 117 -9.80 5.83 -0.42
CA PHE A 117 -8.42 6.23 -0.66
C PHE A 117 -8.04 7.07 0.51
N VAL A 118 -6.89 6.74 1.13
CA VAL A 118 -6.43 7.46 2.32
C VAL A 118 -5.16 8.01 1.94
N ARG A 119 -5.01 9.31 2.11
CA ARG A 119 -3.76 10.03 1.94
C ARG A 119 -3.40 10.77 3.17
N GLU A 120 -2.23 10.45 3.68
CA GLU A 120 -1.78 11.02 4.84
C GLU A 120 -0.22 11.04 4.93
N GLY A 121 0.31 12.20 5.13
CA GLY A 121 1.73 12.38 4.80
C GLY A 121 2.22 11.62 3.56
N LEU A 122 3.00 10.62 3.81
CA LEU A 122 3.68 9.81 2.73
C LEU A 122 2.97 8.52 2.19
N ASN A 123 2.04 8.04 3.01
CA ASN A 123 1.02 7.11 2.71
C ASN A 123 -0.01 7.45 1.75
N GLN A 124 0.06 6.80 0.58
CA GLN A 124 -1.09 6.90 -0.34
C GLN A 124 -1.60 5.49 -0.62
N ILE A 125 -2.89 5.22 -0.27
CA ILE A 125 -3.45 4.05 -0.71
C ILE A 125 -4.88 3.85 -1.00
N PHE A 126 -5.22 3.01 -2.00
CA PHE A 126 -6.61 2.59 -2.23
C PHE A 126 -6.94 1.31 -1.41
N LYS A 127 -8.02 1.35 -0.56
CA LYS A 127 -8.37 0.38 0.34
C LYS A 127 -9.75 -0.22 -0.13
N PHE A 128 -9.97 -1.48 0.22
CA PHE A 128 -11.26 -2.14 -0.17
C PHE A 128 -12.01 -2.78 1.03
N HIS A 129 -13.20 -2.37 1.18
CA HIS A 129 -14.06 -2.79 2.28
C HIS A 129 -15.12 -3.61 1.71
N ASN A 130 -14.94 -4.95 1.82
CA ASN A 130 -16.09 -5.87 1.30
C ASN A 130 -17.16 -6.10 2.50
N PRO A 131 -18.43 -5.79 2.31
CA PRO A 131 -19.39 -5.88 3.47
C PRO A 131 -19.56 -7.38 4.03
N LYS A 132 -19.15 -8.39 3.26
CA LYS A 132 -19.51 -9.75 3.39
C LYS A 132 -18.31 -10.35 4.13
N ALA A 133 -17.25 -9.58 4.20
CA ALA A 133 -15.97 -10.04 4.66
C ALA A 133 -15.74 -10.01 6.09
N GLN A 134 -16.13 -9.22 7.11
CA GLN A 134 -15.71 -9.70 8.45
C GLN A 134 -14.28 -10.19 8.44
N ASN A 135 -13.41 -10.60 9.42
CA ASN A 135 -11.97 -10.98 9.10
C ASN A 135 -11.12 -9.86 8.24
N GLU A 136 -11.56 -8.52 8.32
CA GLU A 136 -10.74 -7.47 7.66
C GLU A 136 -9.26 -7.65 7.99
N CYS A 137 -8.32 -7.43 7.09
CA CYS A 137 -6.87 -7.74 7.40
C CYS A 137 -6.33 -7.14 8.76
N GLY A 138 -5.56 -8.03 9.44
CA GLY A 138 -4.56 -7.65 10.43
C GLY A 138 -3.10 -7.49 9.94
N CYS A 139 -2.67 -8.24 8.89
CA CYS A 139 -1.23 -8.47 8.63
C CYS A 139 -0.80 -7.16 8.20
N GLY A 140 -0.32 -6.31 9.12
CA GLY A 140 -0.13 -4.90 8.70
C GLY A 140 1.23 -4.79 8.05
N GLU A 141 1.50 -5.62 7.03
CA GLU A 141 2.79 -5.99 6.46
C GLU A 141 3.01 -5.31 5.12
N SER A 142 2.13 -4.27 4.94
CA SER A 142 2.13 -3.28 3.94
C SER A 142 1.91 -1.72 4.21
N PHE A 143 2.55 -0.88 3.46
CA PHE A 143 2.48 0.55 3.37
C PHE A 143 2.52 1.13 1.87
N GLY A 144 1.40 1.67 1.37
CA GLY A 144 1.34 2.32 0.05
C GLY A 144 1.87 3.71 0.15
N VAL A 145 2.51 4.15 -0.96
CA VAL A 145 2.96 5.54 -1.28
C VAL A 145 2.98 6.06 -2.83
N SER B 28 28.43 -11.44 36.43
CA SER B 28 28.66 -10.65 35.18
C SER B 28 27.35 -10.24 34.49
N GLY B 29 26.79 -11.16 33.70
CA GLY B 29 25.55 -10.91 32.99
C GLY B 29 24.79 -9.62 33.23
N THR B 30 25.14 -8.58 32.47
CA THR B 30 24.49 -7.27 32.57
C THR B 30 24.59 -6.56 31.20
N PHE B 31 23.46 -6.12 30.64
CA PHE B 31 23.50 -5.50 29.31
C PHE B 31 22.73 -4.21 29.04
N ASN B 32 22.69 -3.86 27.76
CA ASN B 32 22.00 -2.65 27.29
C ASN B 32 21.65 -2.79 25.81
N PRO B 33 20.35 -2.89 25.48
CA PRO B 33 19.99 -3.03 24.07
C PRO B 33 20.24 -1.82 23.15
N GLN B 34 20.72 -0.72 23.70
CA GLN B 34 21.02 0.48 22.90
C GLN B 34 22.40 0.29 22.29
N ASP B 35 23.15 -0.65 22.87
CA ASP B 35 24.49 -0.96 22.42
C ASP B 35 24.58 -2.33 21.80
N PHE B 36 23.41 -2.87 21.44
CA PHE B 36 23.33 -4.19 20.83
C PHE B 36 23.87 -4.19 19.41
N ALA B 37 24.33 -5.36 18.97
CA ALA B 37 24.83 -5.56 17.61
C ALA B 37 23.61 -6.11 16.86
N TRP B 38 23.11 -5.36 15.89
CA TRP B 38 21.93 -5.77 15.15
C TRP B 38 22.18 -6.49 13.84
N GLN B 39 21.25 -7.35 13.43
CA GLN B 39 21.41 -8.03 12.15
C GLN B 39 21.20 -6.94 11.10
N GLY B 40 20.37 -5.97 11.45
CA GLY B 40 20.08 -4.84 10.57
C GLY B 40 19.01 -5.17 9.56
N LEU B 41 18.38 -4.13 8.99
CA LEU B 41 17.34 -4.31 7.99
C LEU B 41 18.01 -4.23 6.60
N THR B 42 17.33 -4.80 5.59
CA THR B 42 17.85 -4.78 4.23
C THR B 42 16.82 -4.16 3.32
N LEU B 43 17.25 -3.76 2.13
CA LEU B 43 16.38 -3.15 1.14
C LEU B 43 16.51 -3.96 -0.11
N THR B 44 15.41 -4.32 -0.75
CA THR B 44 15.46 -5.07 -2.02
C THR B 44 15.82 -4.00 -3.06
N PRO B 45 16.38 -4.41 -4.20
CA PRO B 45 16.71 -3.35 -5.16
C PRO B 45 15.52 -2.50 -5.58
N ALA B 46 14.32 -3.09 -5.59
CA ALA B 46 13.12 -2.34 -5.98
C ALA B 46 12.70 -1.33 -4.91
N ALA B 47 12.90 -1.67 -3.64
CA ALA B 47 12.55 -0.76 -2.54
C ALA B 47 13.55 0.39 -2.53
N ALA B 48 14.80 0.08 -2.80
CA ALA B 48 15.82 1.10 -2.83
C ALA B 48 15.51 2.24 -3.82
N ILE B 49 15.13 1.89 -5.04
CA ILE B 49 14.88 2.92 -6.03
C ILE B 49 13.64 3.76 -5.75
N HIS B 50 12.61 3.14 -5.17
CA HIS B 50 11.41 3.89 -4.89
C HIS B 50 11.62 4.84 -3.71
N ILE B 51 12.53 4.47 -2.82
CA ILE B 51 12.89 5.34 -1.71
C ILE B 51 13.65 6.53 -2.35
N ARG B 52 14.62 6.23 -3.22
CA ARG B 52 15.38 7.27 -3.89
C ARG B 52 14.42 8.20 -4.64
N GLU B 53 13.38 7.59 -5.21
CA GLU B 53 12.39 8.32 -5.98
C GLU B 53 11.50 9.21 -5.10
N LEU B 54 11.17 8.71 -3.91
CA LEU B 54 10.35 9.47 -2.98
C LEU B 54 11.19 10.63 -2.45
N VAL B 55 12.46 10.33 -2.20
CA VAL B 55 13.34 11.34 -1.66
C VAL B 55 13.64 12.44 -2.66
N ALA B 56 13.90 12.06 -3.91
CA ALA B 56 14.24 13.05 -4.95
C ALA B 56 13.11 14.03 -5.19
N LYS B 57 11.88 13.57 -4.98
CA LYS B 57 10.73 14.42 -5.22
C LYS B 57 10.61 15.54 -4.18
N GLN B 58 11.21 15.31 -3.02
CA GLN B 58 11.14 16.29 -1.93
C GLN B 58 12.48 16.92 -1.57
N PRO B 59 12.67 18.19 -1.96
CA PRO B 59 13.97 18.78 -1.59
C PRO B 59 14.06 18.85 -0.06
N GLY B 60 15.23 18.51 0.47
CA GLY B 60 15.42 18.55 1.91
C GLY B 60 15.28 17.20 2.60
N MET B 61 14.60 16.27 1.92
CA MET B 61 14.41 14.93 2.47
C MET B 61 15.63 14.07 2.19
N VAL B 62 16.11 13.30 3.16
CA VAL B 62 17.29 12.46 2.92
C VAL B 62 17.03 10.97 2.95
N GLY B 63 15.83 10.57 3.40
CA GLY B 63 15.49 9.17 3.44
C GLY B 63 14.15 8.98 4.15
N VAL B 64 13.79 7.73 4.41
CA VAL B 64 12.53 7.43 5.10
C VAL B 64 12.82 6.71 6.40
N ARG B 65 11.86 6.79 7.33
CA ARG B 65 12.00 6.13 8.63
C ARG B 65 10.92 5.06 8.78
N LEU B 66 11.35 3.84 9.11
CA LEU B 66 10.41 2.75 9.28
C LEU B 66 10.02 2.69 10.75
N GLY B 67 8.71 2.62 11.02
CA GLY B 67 8.24 2.54 12.39
C GLY B 67 7.07 1.58 12.49
N VAL B 68 6.49 1.40 13.68
CA VAL B 68 5.33 0.52 13.82
C VAL B 68 4.26 1.31 14.56
N LYS B 69 2.99 0.94 14.41
CA LYS B 69 1.91 1.66 15.08
C LYS B 69 0.80 0.79 15.66
N GLN B 70 -0.01 1.39 16.54
CA GLN B 70 -1.16 0.72 17.14
C GLN B 70 -0.86 -0.37 18.16
N GLY B 75 -1.74 -7.51 15.78
CA GLY B 75 -2.37 -6.17 15.96
C GLY B 75 -1.40 -4.99 15.94
N PHE B 76 -0.54 -4.92 14.93
CA PHE B 76 0.40 -3.82 14.81
C PHE B 76 0.74 -3.62 13.32
N GLY B 77 1.32 -2.48 12.97
CA GLY B 77 1.63 -2.22 11.57
C GLY B 77 2.82 -1.30 11.28
N TYR B 78 3.45 -1.52 10.13
CA TYR B 78 4.60 -0.72 9.73
C TYR B 78 4.18 0.60 9.09
N VAL B 79 4.94 1.66 9.39
CA VAL B 79 4.64 2.96 8.81
C VAL B 79 5.93 3.59 8.31
N LEU B 80 5.84 4.34 7.21
CA LEU B 80 7.02 5.03 6.69
C LEU B 80 6.85 6.52 6.98
N ASP B 81 7.96 7.20 7.28
CA ASP B 81 7.91 8.61 7.60
C ASP B 81 9.01 9.29 6.80
N SER B 82 8.87 10.59 6.52
CA SER B 82 9.90 11.30 5.78
C SER B 82 10.97 11.79 6.75
N VAL B 83 12.22 11.77 6.34
CA VAL B 83 13.27 12.22 7.24
C VAL B 83 14.03 13.40 6.64
N SER B 84 14.18 14.46 7.42
CA SER B 84 14.92 15.64 6.99
C SER B 84 16.16 15.63 7.85
N GLU B 85 15.98 15.79 9.15
CA GLU B 85 17.07 15.76 10.12
C GLU B 85 16.88 14.47 10.92
N PRO B 86 17.79 13.52 10.76
CA PRO B 86 17.63 12.28 11.53
C PRO B 86 17.71 12.47 13.04
N ASP B 87 17.02 11.58 13.75
CA ASP B 87 16.97 11.60 15.20
C ASP B 87 18.27 11.08 15.76
N LYS B 88 18.53 11.37 17.03
CA LYS B 88 19.76 10.91 17.69
C LYS B 88 19.71 9.39 17.78
N ASP B 89 18.66 8.85 18.39
CA ASP B 89 18.55 7.40 18.53
C ASP B 89 17.93 6.68 17.33
N ASP B 90 18.48 6.95 16.16
CA ASP B 90 18.02 6.31 14.96
C ASP B 90 19.18 5.61 14.28
N LEU B 91 18.95 4.39 13.83
CA LEU B 91 19.99 3.65 13.15
C LEU B 91 19.80 3.86 11.66
N LEU B 92 20.87 3.78 10.88
CA LEU B 92 20.80 3.99 9.45
C LEU B 92 21.24 2.80 8.63
N PHE B 93 20.44 2.46 7.63
CA PHE B 93 20.76 1.35 6.75
C PHE B 93 20.72 1.87 5.33
N GLU B 94 21.88 1.83 4.70
CA GLU B 94 22.03 2.31 3.35
C GLU B 94 22.16 1.18 2.36
N HIS B 95 21.70 1.44 1.13
CA HIS B 95 21.74 0.47 0.05
C HIS B 95 21.36 1.21 -1.23
N ASP B 96 22.29 1.25 -2.17
CA ASP B 96 22.09 1.92 -3.45
C ASP B 96 21.67 3.38 -3.34
N GLY B 97 22.28 4.09 -2.40
CA GLY B 97 21.94 5.48 -2.23
C GLY B 97 20.59 5.69 -1.58
N ALA B 98 19.97 4.62 -1.11
CA ALA B 98 18.68 4.74 -0.44
C ALA B 98 18.90 4.66 1.08
N LYS B 99 18.50 5.72 1.79
CA LYS B 99 18.65 5.74 3.25
C LYS B 99 17.38 5.37 4.01
N LEU B 100 17.46 4.28 4.78
CA LEU B 100 16.34 3.82 5.59
C LEU B 100 16.71 3.93 7.07
N PHE B 101 15.95 4.75 7.80
CA PHE B 101 16.20 4.95 9.22
C PHE B 101 15.25 4.14 10.10
N VAL B 102 15.78 3.53 11.16
CA VAL B 102 14.94 2.76 12.06
C VAL B 102 15.29 3.19 13.49
N PRO B 103 14.28 3.56 14.29
CA PRO B 103 14.56 3.99 15.67
C PRO B 103 14.99 2.80 16.50
N LEU B 104 15.80 3.03 17.55
CA LEU B 104 16.26 1.94 18.42
C LEU B 104 15.13 1.16 19.09
N GLN B 105 14.14 1.86 19.63
CA GLN B 105 13.00 1.20 20.27
C GLN B 105 12.32 0.13 19.42
N ALA B 106 12.48 0.20 18.10
CA ALA B 106 11.84 -0.77 17.23
C ALA B 106 12.75 -1.92 16.83
N MET B 107 14.05 -1.72 16.97
CA MET B 107 15.01 -2.75 16.59
C MET B 107 14.77 -4.10 17.24
N PRO B 108 14.56 -4.15 18.57
CA PRO B 108 14.32 -5.47 19.15
C PRO B 108 13.14 -6.18 18.49
N PHE B 109 12.24 -5.42 17.89
CA PHE B 109 11.06 -6.01 17.27
C PHE B 109 11.07 -6.26 15.77
N ILE B 110 11.79 -5.43 15.00
CA ILE B 110 11.79 -5.62 13.55
C ILE B 110 13.15 -5.85 12.93
N ASP B 111 14.15 -6.15 13.75
CA ASP B 111 15.51 -6.41 13.30
C ASP B 111 15.53 -7.58 12.32
N GLY B 112 16.35 -7.50 11.27
CA GLY B 112 16.40 -8.58 10.30
C GLY B 112 15.36 -8.44 9.21
N THR B 113 14.41 -7.52 9.42
CA THR B 113 13.33 -7.28 8.46
C THR B 113 13.81 -6.83 7.08
N GLU B 114 13.14 -7.32 6.05
CA GLU B 114 13.48 -6.95 4.67
C GLU B 114 12.35 -6.09 4.13
N VAL B 115 12.72 -4.99 3.48
CA VAL B 115 11.73 -4.11 2.88
C VAL B 115 11.79 -4.31 1.36
N ASP B 116 10.66 -4.68 0.78
CA ASP B 116 10.61 -4.90 -0.65
C ASP B 116 9.56 -3.94 -1.23
N PHE B 117 9.45 -3.87 -2.56
CA PHE B 117 8.47 -2.98 -3.18
C PHE B 117 7.71 -3.67 -4.30
N VAL B 118 6.40 -3.44 -4.36
CA VAL B 118 5.57 -4.06 -5.39
C VAL B 118 4.45 -3.14 -5.86
N ARG B 119 4.20 -3.14 -7.15
CA ARG B 119 3.14 -2.31 -7.72
C ARG B 119 1.92 -3.22 -7.93
N GLU B 120 0.77 -2.78 -7.41
CA GLU B 120 -0.49 -3.53 -7.54
C GLU B 120 -1.54 -2.59 -8.10
N GLY B 121 -1.67 -2.59 -9.42
CA GLY B 121 -2.59 -1.68 -10.07
C GLY B 121 -2.06 -0.29 -9.79
N LEU B 122 -2.90 0.59 -9.27
CA LEU B 122 -2.45 1.95 -8.95
C LEU B 122 -1.74 2.04 -7.60
N ASN B 123 -1.76 0.95 -6.84
CA ASN B 123 -1.08 0.96 -5.55
C ASN B 123 0.40 0.63 -5.72
N GLN B 124 1.24 1.44 -5.09
CA GLN B 124 2.69 1.26 -5.10
C GLN B 124 2.87 0.92 -3.65
N ILE B 125 3.22 -0.31 -3.35
CA ILE B 125 3.20 -0.67 -1.91
C ILE B 125 4.51 -1.27 -1.42
N PHE B 126 5.01 -0.77 -0.32
CA PHE B 126 6.23 -1.29 0.32
C PHE B 126 5.73 -2.41 1.18
N LYS B 127 6.44 -3.47 1.11
CA LYS B 127 6.20 -4.64 1.76
C LYS B 127 7.35 -4.99 2.78
N PHE B 128 6.90 -5.51 3.93
CA PHE B 128 7.85 -5.82 4.97
C PHE B 128 7.91 -7.31 5.34
N HIS B 129 9.07 -7.98 5.12
CA HIS B 129 9.22 -9.37 5.52
C HIS B 129 9.97 -9.43 6.81
N ASN B 130 9.27 -9.75 7.92
CA ASN B 130 9.99 -9.75 9.14
C ASN B 130 10.20 -11.23 9.61
N PRO B 131 11.43 -11.67 9.96
CA PRO B 131 11.77 -13.14 10.19
C PRO B 131 10.94 -13.65 11.41
N LYS B 132 10.59 -12.75 12.31
CA LYS B 132 9.64 -13.00 13.35
C LYS B 132 8.11 -12.72 12.93
N ALA B 133 7.64 -13.07 11.76
CA ALA B 133 6.25 -12.79 11.52
C ALA B 133 5.56 -14.06 12.07
#